data_4GBR
#
_entry.id   4GBR
#
_cell.length_a   51.382
_cell.length_b   71.376
_cell.length_c   161.370
_cell.angle_alpha   90.00
_cell.angle_beta   90.00
_cell.angle_gamma   90.00
#
_symmetry.space_group_name_H-M   'P 21 21 21'
#
loop_
_entity.id
_entity.type
_entity.pdbx_description
1 polymer 'Beta-2 adrenergic receptor'
2 polymer Lysozyme
3 non-polymer (2S)-1-(9H-Carbazol-4-yloxy)-3-(isopropylamino)propan-2-ol
#
loop_
_entity_poly.entity_id
_entity_poly.type
_entity_poly.pdbx_seq_one_letter_code
_entity_poly.pdbx_strand_id
1 'polypeptide(L)'
;DEVWVVGMGIVMSLIVLAIVFGNVLVITAIAKFERLQTVTNYFITSLACADLVMGLAVVPFGAAHILTKTWTFGNFWCEF
WTSIDVLCVTASIETLCVIAVDRYFAITSPFKYQSLLTKNKARVIILMVWIVSGLTSFLPIQMHWYRATHQEAINCYAEE
TCCDFFTNQAYAIASSIVSFYVPLVIMVFVYSRVFQEAKRQLQKIDKFCLKEHKALKTLGIIMGTFTLCWLPFFIVNIVH
VIQDNLIRKEVYILLNWIGYVNSGFNPLIYCRSPDFRIAFQELLCLRRSSLKAYGNGYSSNGNTGEQSG
;
A
2 'polypeptide(L)'
;GNIFEMLRIDEGLRLKIYKDTEGYYTIGIGHLLTKSPSLNAAKSELDKAIGRNTNGVITKDEAEKLFNQDVDAAVRGILR
NAKLKPVYDSLDAVRRAALINMVFQMGETGVAGFTNSLRMLQQKRWDEAAVNLAKSRWYNQTPNRAKRVITTFRTGTWDA
YAA
;
B
#
loop_
_chem_comp.id
_chem_comp.type
_chem_comp.name
_chem_comp.formula
CAU non-polymer (2S)-1-(9H-Carbazol-4-yloxy)-3-(isopropylamino)propan-2-ol 'C18 H22 N2 O2'
#
# COMPACT_ATOMS: atom_id res chain seq x y z
N ASP A 1 -12.29 1.35 16.03
CA ASP A 1 -12.96 0.03 16.19
C ASP A 1 -12.13 -1.28 16.18
N GLU A 2 -11.66 -1.71 17.35
CA GLU A 2 -10.95 -2.97 17.44
C GLU A 2 -11.80 -4.08 16.85
N VAL A 3 -13.10 -4.08 17.13
CA VAL A 3 -13.99 -5.11 16.58
C VAL A 3 -13.94 -5.12 15.06
N TRP A 4 -13.86 -3.93 14.47
CA TRP A 4 -13.82 -3.72 13.03
C TRP A 4 -12.49 -4.17 12.44
N VAL A 5 -11.40 -3.82 13.12
CA VAL A 5 -10.06 -4.19 12.71
C VAL A 5 -9.85 -5.70 12.75
N VAL A 6 -10.46 -6.36 13.73
CA VAL A 6 -10.39 -7.81 13.82
C VAL A 6 -11.21 -8.47 12.72
N GLY A 7 -12.40 -7.94 12.47
CA GLY A 7 -13.25 -8.46 11.41
C GLY A 7 -12.55 -8.37 10.07
N MET A 8 -11.96 -7.20 9.82
CA MET A 8 -11.22 -6.98 8.57
C MET A 8 -10.00 -7.86 8.52
N GLY A 9 -9.38 -8.07 9.68
CA GLY A 9 -8.20 -8.91 9.77
C GLY A 9 -8.54 -10.33 9.36
N ILE A 10 -9.72 -10.76 9.78
CA ILE A 10 -10.20 -12.11 9.48
C ILE A 10 -10.55 -12.22 8.00
N VAL A 11 -11.23 -11.19 7.48
CA VAL A 11 -11.64 -11.19 6.09
C VAL A 11 -10.45 -11.23 5.14
N MET A 12 -9.53 -10.29 5.32
CA MET A 12 -8.34 -10.23 4.49
C MET A 12 -7.38 -11.39 4.73
N SER A 13 -7.43 -11.99 5.91
CA SER A 13 -6.64 -13.20 6.16
C SER A 13 -7.20 -14.37 5.36
N LEU A 14 -8.52 -14.48 5.35
CA LEU A 14 -9.19 -15.46 4.51
C LEU A 14 -8.83 -15.20 3.05
N ILE A 15 -8.76 -13.93 2.68
CA ILE A 15 -8.41 -13.55 1.32
C ILE A 15 -7.00 -14.05 0.96
N VAL A 16 -6.02 -13.66 1.76
CA VAL A 16 -4.63 -14.04 1.51
C VAL A 16 -4.46 -15.55 1.47
N LEU A 17 -5.02 -16.23 2.46
CA LEU A 17 -4.96 -17.68 2.52
C LEU A 17 -5.56 -18.29 1.26
N ALA A 18 -6.66 -17.70 0.80
CA ALA A 18 -7.31 -18.15 -0.43
C ALA A 18 -6.37 -18.02 -1.62
N ILE A 19 -5.75 -16.85 -1.76
CA ILE A 19 -4.84 -16.58 -2.86
C ILE A 19 -3.64 -17.54 -2.87
N VAL A 20 -2.89 -17.54 -1.77
CA VAL A 20 -1.71 -18.38 -1.63
C VAL A 20 -2.07 -19.84 -1.88
N PHE A 21 -3.09 -20.31 -1.17
CA PHE A 21 -3.57 -21.68 -1.30
C PHE A 21 -3.86 -22.03 -2.77
N GLY A 22 -4.67 -21.19 -3.42
CA GLY A 22 -5.08 -21.45 -4.79
C GLY A 22 -3.96 -21.46 -5.80
N ASN A 23 -3.18 -20.38 -5.85
CA ASN A 23 -2.08 -20.29 -6.80
C ASN A 23 -1.03 -21.36 -6.55
N VAL A 24 -0.74 -21.64 -5.28
CA VAL A 24 0.16 -22.73 -4.92
C VAL A 24 -0.37 -24.04 -5.50
N LEU A 25 -1.67 -24.27 -5.34
CA LEU A 25 -2.32 -25.44 -5.90
C LEU A 25 -2.07 -25.51 -7.42
N VAL A 26 -2.35 -24.41 -8.11
CA VAL A 26 -2.19 -24.34 -9.55
C VAL A 26 -0.78 -24.70 -9.98
N ILE A 27 0.19 -23.99 -9.40
CA ILE A 27 1.60 -24.22 -9.73
C ILE A 27 2.02 -25.66 -9.48
N THR A 28 1.65 -26.20 -8.32
CA THR A 28 1.99 -27.58 -7.99
C THR A 28 1.42 -28.54 -9.02
N ALA A 29 0.15 -28.36 -9.36
CA ALA A 29 -0.53 -29.21 -10.33
C ALA A 29 0.14 -29.16 -11.69
N ILE A 30 0.51 -27.95 -12.12
CA ILE A 30 1.13 -27.78 -13.43
C ILE A 30 2.54 -28.35 -13.49
N ALA A 31 3.28 -28.21 -12.39
CA ALA A 31 4.67 -28.64 -12.35
C ALA A 31 4.80 -30.14 -12.18
N LYS A 32 3.95 -30.73 -11.37
CA LYS A 32 4.04 -32.15 -11.04
C LYS A 32 3.62 -33.06 -12.20
N PHE A 33 2.46 -32.77 -12.79
CA PHE A 33 1.91 -33.63 -13.83
C PHE A 33 2.48 -33.33 -15.21
N GLU A 34 2.91 -34.38 -15.90
CA GLU A 34 3.45 -34.26 -17.24
C GLU A 34 2.34 -33.99 -18.26
N ARG A 35 1.14 -34.45 -17.93
CA ARG A 35 -0.02 -34.26 -18.80
C ARG A 35 -0.40 -32.78 -18.88
N LEU A 36 -0.08 -32.04 -17.83
CA LEU A 36 -0.42 -30.63 -17.75
C LEU A 36 0.70 -29.72 -18.25
N GLN A 37 1.78 -30.31 -18.74
CA GLN A 37 2.92 -29.52 -19.17
C GLN A 37 2.85 -29.16 -20.65
N THR A 38 2.62 -27.88 -20.91
CA THR A 38 2.55 -27.33 -22.26
C THR A 38 2.85 -25.83 -22.18
N VAL A 39 3.19 -25.24 -23.32
CA VAL A 39 3.51 -23.81 -23.36
C VAL A 39 2.43 -22.98 -22.65
N THR A 40 1.18 -23.27 -22.97
CA THR A 40 0.05 -22.57 -22.39
C THR A 40 0.09 -22.60 -20.87
N ASN A 41 0.30 -23.78 -20.29
CA ASN A 41 0.34 -23.92 -18.84
C ASN A 41 1.65 -23.42 -18.24
N TYR A 42 2.65 -23.19 -19.08
CA TYR A 42 3.88 -22.55 -18.63
C TYR A 42 3.58 -21.06 -18.42
N PHE A 43 2.86 -20.48 -19.39
CA PHE A 43 2.41 -19.10 -19.25
C PHE A 43 1.48 -18.98 -18.04
N ILE A 44 0.57 -19.95 -17.90
CA ILE A 44 -0.32 -20.01 -16.75
C ILE A 44 0.50 -20.11 -15.46
N THR A 45 1.65 -20.78 -15.54
CA THR A 45 2.53 -20.91 -14.40
C THR A 45 3.13 -19.56 -14.05
N SER A 46 3.52 -18.79 -15.07
CA SER A 46 4.03 -17.45 -14.85
C SER A 46 2.98 -16.57 -14.21
N LEU A 47 1.75 -16.68 -14.69
CA LEU A 47 0.63 -15.90 -14.19
C LEU A 47 0.34 -16.22 -12.72
N ALA A 48 0.27 -17.52 -12.41
CA ALA A 48 0.04 -17.98 -11.05
C ALA A 48 1.21 -17.60 -10.13
N CYS A 49 2.39 -17.44 -10.72
CA CYS A 49 3.55 -16.98 -9.98
C CYS A 49 3.37 -15.51 -9.62
N ALA A 50 2.95 -14.72 -10.60
CA ALA A 50 2.68 -13.31 -10.36
C ALA A 50 1.64 -13.14 -9.26
N ASP A 51 0.52 -13.84 -9.39
CA ASP A 51 -0.54 -13.78 -8.39
C ASP A 51 -0.09 -14.31 -7.04
N LEU A 52 0.86 -15.25 -7.04
CA LEU A 52 1.39 -15.80 -5.81
C LEU A 52 2.23 -14.75 -5.09
N VAL A 53 3.12 -14.10 -5.82
CA VAL A 53 3.92 -13.02 -5.29
C VAL A 53 2.99 -11.91 -4.79
N MET A 54 1.86 -11.76 -5.46
CA MET A 54 0.84 -10.82 -5.04
C MET A 54 0.28 -11.24 -3.69
N GLY A 55 0.04 -12.54 -3.53
CA GLY A 55 -0.53 -13.07 -2.30
C GLY A 55 0.39 -12.93 -1.10
N LEU A 56 1.65 -13.34 -1.25
CA LEU A 56 2.59 -13.29 -0.15
C LEU A 56 3.19 -11.91 0.11
N ALA A 57 3.67 -11.26 -0.95
CA ALA A 57 4.46 -10.04 -0.80
C ALA A 57 3.66 -8.74 -0.61
N VAL A 58 2.59 -8.57 -1.37
CA VAL A 58 1.89 -7.28 -1.42
C VAL A 58 0.63 -7.20 -0.55
N VAL A 59 -0.37 -8.01 -0.87
CA VAL A 59 -1.67 -7.94 -0.20
C VAL A 59 -1.60 -7.86 1.33
N PRO A 60 -0.79 -8.73 1.96
CA PRO A 60 -0.69 -8.71 3.41
C PRO A 60 -0.25 -7.35 3.97
N PHE A 61 0.76 -6.75 3.35
CA PHE A 61 1.29 -5.47 3.82
C PHE A 61 0.32 -4.33 3.58
N GLY A 62 -0.46 -4.43 2.50
CA GLY A 62 -1.51 -3.47 2.25
C GLY A 62 -2.57 -3.56 3.32
N ALA A 63 -2.98 -4.78 3.63
CA ALA A 63 -3.96 -5.04 4.68
C ALA A 63 -3.48 -4.43 5.98
N ALA A 64 -2.22 -4.70 6.31
CA ALA A 64 -1.61 -4.16 7.51
C ALA A 64 -1.63 -2.63 7.48
N HIS A 65 -1.41 -2.06 6.30
CA HIS A 65 -1.40 -0.61 6.16
C HIS A 65 -2.76 0.00 6.45
N ILE A 66 -3.81 -0.59 5.89
CA ILE A 66 -5.16 -0.09 6.06
C ILE A 66 -5.69 -0.28 7.48
N LEU A 67 -5.44 -1.46 8.04
CA LEU A 67 -5.89 -1.78 9.38
C LEU A 67 -5.24 -0.88 10.42
N THR A 68 -3.91 -0.79 10.36
CA THR A 68 -3.14 -0.01 11.30
C THR A 68 -3.21 1.47 10.95
N LYS A 69 -3.79 1.78 9.79
CA LYS A 69 -3.93 3.16 9.34
C LYS A 69 -2.56 3.87 9.30
N THR A 70 -1.52 3.09 9.02
CA THR A 70 -0.16 3.63 8.97
C THR A 70 0.84 2.54 8.58
N TRP A 71 2.04 2.96 8.18
CA TRP A 71 3.06 2.06 7.70
C TRP A 71 4.14 1.82 8.74
N THR A 72 4.23 0.58 9.22
CA THR A 72 5.18 0.24 10.29
C THR A 72 6.48 -0.39 9.77
N PHE A 73 6.59 -0.55 8.45
CA PHE A 73 7.69 -1.34 7.89
C PHE A 73 8.89 -0.52 7.38
N GLY A 74 8.80 0.80 7.43
CA GLY A 74 9.90 1.64 7.01
C GLY A 74 9.90 1.97 5.52
N ASN A 75 10.48 3.12 5.20
CA ASN A 75 10.52 3.61 3.82
C ASN A 75 11.12 2.62 2.84
N PHE A 76 12.24 2.02 3.21
CA PHE A 76 12.93 1.09 2.34
C PHE A 76 11.96 0.03 1.82
N TRP A 77 11.32 -0.66 2.76
CA TRP A 77 10.39 -1.72 2.40
C TRP A 77 9.12 -1.16 1.77
N CYS A 78 8.80 0.11 2.04
CA CYS A 78 7.68 0.73 1.36
C CYS A 78 7.96 0.78 -0.14
N GLU A 79 9.08 1.40 -0.49
CA GLU A 79 9.51 1.53 -1.87
C GLU A 79 9.62 0.16 -2.53
N PHE A 80 10.41 -0.72 -1.93
CA PHE A 80 10.58 -2.05 -2.51
C PHE A 80 9.24 -2.75 -2.70
N TRP A 81 8.33 -2.55 -1.74
CA TRP A 81 7.00 -3.15 -1.80
C TRP A 81 6.24 -2.65 -3.02
N THR A 82 6.17 -1.34 -3.18
CA THR A 82 5.51 -0.76 -4.34
C THR A 82 6.11 -1.32 -5.62
N SER A 83 7.43 -1.36 -5.69
CA SER A 83 8.13 -1.94 -6.83
C SER A 83 7.58 -3.32 -7.12
N ILE A 84 7.52 -4.14 -6.08
CA ILE A 84 6.99 -5.50 -6.20
C ILE A 84 5.58 -5.47 -6.80
N ASP A 85 4.73 -4.58 -6.29
CA ASP A 85 3.36 -4.45 -6.76
C ASP A 85 3.28 -4.18 -8.26
N VAL A 86 3.81 -3.03 -8.67
CA VAL A 86 3.78 -2.64 -10.09
C VAL A 86 4.37 -3.74 -10.97
N LEU A 87 5.51 -4.29 -10.53
CA LEU A 87 6.14 -5.40 -11.23
C LEU A 87 5.15 -6.55 -11.46
N CYS A 88 4.48 -6.97 -10.39
CA CYS A 88 3.52 -8.05 -10.47
C CYS A 88 2.42 -7.76 -11.49
N VAL A 89 1.73 -6.63 -11.32
CA VAL A 89 0.64 -6.30 -12.24
C VAL A 89 1.11 -6.30 -13.70
N THR A 90 2.18 -5.54 -13.97
CA THR A 90 2.75 -5.44 -15.31
C THR A 90 3.02 -6.82 -15.89
N ALA A 91 3.79 -7.62 -15.15
CA ALA A 91 4.13 -8.97 -15.57
C ALA A 91 2.86 -9.77 -15.90
N SER A 92 1.83 -9.62 -15.08
CA SER A 92 0.58 -10.34 -15.29
C SER A 92 -0.08 -9.99 -16.62
N ILE A 93 -0.34 -8.69 -16.83
CA ILE A 93 -0.99 -8.27 -18.06
C ILE A 93 -0.18 -8.69 -19.28
N GLU A 94 1.15 -8.50 -19.21
CA GLU A 94 2.03 -8.90 -20.30
C GLU A 94 1.91 -10.39 -20.58
N THR A 95 1.86 -11.18 -19.52
CA THR A 95 1.71 -12.62 -19.64
C THR A 95 0.43 -12.97 -20.38
N LEU A 96 -0.69 -12.43 -19.92
CA LEU A 96 -1.97 -12.69 -20.58
C LEU A 96 -1.93 -12.32 -22.05
N CYS A 97 -1.36 -11.16 -22.36
CA CYS A 97 -1.19 -10.73 -23.75
C CYS A 97 -0.43 -11.78 -24.57
N VAL A 98 0.74 -12.16 -24.06
CA VAL A 98 1.55 -13.18 -24.70
C VAL A 98 0.74 -14.46 -24.95
N ILE A 99 -0.07 -14.85 -23.97
CA ILE A 99 -0.93 -16.00 -24.11
C ILE A 99 -1.88 -15.83 -25.30
N ALA A 100 -2.55 -14.68 -25.34
CA ALA A 100 -3.48 -14.39 -26.43
C ALA A 100 -2.80 -14.53 -27.80
N VAL A 101 -1.68 -13.84 -27.98
CA VAL A 101 -0.94 -13.93 -29.22
C VAL A 101 -0.60 -15.38 -29.55
N ASP A 102 -0.08 -16.11 -28.57
CA ASP A 102 0.28 -17.52 -28.75
C ASP A 102 -0.90 -18.31 -29.29
N ARG A 103 -2.07 -18.11 -28.69
CA ARG A 103 -3.27 -18.83 -29.12
C ARG A 103 -3.65 -18.45 -30.55
N TYR A 104 -3.47 -17.18 -30.90
CA TYR A 104 -3.76 -16.72 -32.26
C TYR A 104 -2.88 -17.43 -33.29
N PHE A 105 -1.56 -17.37 -33.09
CA PHE A 105 -0.63 -18.01 -34.03
C PHE A 105 -0.74 -19.53 -34.00
N ALA A 106 -1.27 -20.08 -32.91
CA ALA A 106 -1.43 -21.52 -32.78
C ALA A 106 -2.67 -22.02 -33.53
N ILE A 107 -3.77 -21.28 -33.45
CA ILE A 107 -5.00 -21.76 -34.09
C ILE A 107 -4.92 -21.72 -35.62
N THR A 108 -4.18 -20.75 -36.11
CA THR A 108 -4.20 -20.41 -37.53
C THR A 108 -3.04 -20.99 -38.35
N SER A 109 -2.10 -21.67 -37.68
CA SER A 109 -1.01 -22.31 -38.41
C SER A 109 -1.63 -23.45 -39.19
N PRO A 110 -1.07 -23.77 -40.39
CA PRO A 110 -1.61 -24.83 -41.26
C PRO A 110 -2.04 -26.04 -40.44
N PHE A 111 -1.14 -26.49 -39.58
CA PHE A 111 -1.48 -27.46 -38.56
C PHE A 111 -2.20 -26.70 -37.44
N LYS A 112 -3.43 -27.12 -37.15
CA LYS A 112 -4.36 -26.34 -36.34
C LYS A 112 -4.51 -26.77 -34.86
N TYR A 113 -4.58 -25.77 -33.98
CA TYR A 113 -4.67 -25.97 -32.54
C TYR A 113 -3.30 -26.34 -31.97
N GLN A 114 -2.30 -26.39 -32.86
CA GLN A 114 -0.95 -26.73 -32.47
C GLN A 114 -0.08 -25.49 -32.39
N SER A 115 0.64 -25.35 -31.30
CA SER A 115 1.46 -24.17 -31.06
C SER A 115 2.92 -24.44 -31.47
N LEU A 116 3.44 -23.67 -32.42
CA LEU A 116 4.77 -23.95 -33.00
C LEU A 116 5.99 -23.89 -32.04
N LEU A 117 5.86 -23.24 -30.89
CA LEU A 117 6.98 -23.05 -29.97
C LEU A 117 7.29 -24.26 -29.10
N THR A 118 8.56 -24.64 -29.01
CA THR A 118 8.96 -25.72 -28.08
C THR A 118 9.13 -25.16 -26.66
N LYS A 119 9.75 -25.93 -25.76
CA LYS A 119 9.77 -25.54 -24.34
C LYS A 119 10.78 -24.45 -23.99
N ASN A 120 11.96 -24.49 -24.60
CA ASN A 120 13.02 -23.55 -24.26
C ASN A 120 12.81 -22.15 -24.81
N LYS A 121 11.96 -22.04 -25.82
CA LYS A 121 11.52 -20.77 -26.38
C LYS A 121 10.50 -20.10 -25.46
N ALA A 122 9.56 -20.89 -24.94
CA ALA A 122 8.56 -20.38 -24.01
C ALA A 122 9.23 -19.81 -22.76
N ARG A 123 10.11 -20.59 -22.15
CA ARG A 123 10.85 -20.16 -20.97
C ARG A 123 11.58 -18.83 -21.25
N VAL A 124 12.22 -18.75 -22.41
CA VAL A 124 12.89 -17.51 -22.82
C VAL A 124 11.90 -16.35 -22.84
N ILE A 125 10.75 -16.57 -23.47
CA ILE A 125 9.72 -15.53 -23.58
C ILE A 125 9.26 -15.04 -22.20
N ILE A 126 9.03 -15.97 -21.29
CA ILE A 126 8.62 -15.62 -19.94
C ILE A 126 9.71 -14.79 -19.24
N LEU A 127 10.93 -15.29 -19.31
CA LEU A 127 12.07 -14.59 -18.73
C LEU A 127 12.12 -13.14 -19.23
N MET A 128 11.93 -12.97 -20.53
CA MET A 128 11.91 -11.65 -21.13
C MET A 128 10.75 -10.81 -20.59
N VAL A 129 9.59 -11.44 -20.44
CA VAL A 129 8.42 -10.76 -19.88
C VAL A 129 8.73 -10.17 -18.51
N TRP A 130 9.29 -11.00 -17.63
CA TRP A 130 9.66 -10.53 -16.29
C TRP A 130 10.74 -9.45 -16.34
N ILE A 131 11.70 -9.62 -17.26
CA ILE A 131 12.78 -8.65 -17.43
C ILE A 131 12.27 -7.26 -17.79
N VAL A 132 11.43 -7.19 -18.82
CA VAL A 132 10.88 -5.91 -19.27
C VAL A 132 9.85 -5.37 -18.28
N SER A 133 9.19 -6.27 -17.55
CA SER A 133 8.25 -5.86 -16.52
C SER A 133 8.96 -5.13 -15.40
N GLY A 134 10.00 -5.75 -14.85
CA GLY A 134 10.81 -5.14 -13.82
C GLY A 134 11.56 -3.94 -14.36
N LEU A 135 11.71 -3.91 -15.68
CA LEU A 135 12.39 -2.81 -16.36
C LEU A 135 11.48 -1.58 -16.41
N THR A 136 10.18 -1.82 -16.54
CA THR A 136 9.20 -0.74 -16.58
C THR A 136 8.57 -0.48 -15.21
N SER A 137 9.00 -1.23 -14.20
CA SER A 137 8.47 -1.07 -12.85
C SER A 137 9.55 -0.62 -11.86
N PHE A 138 10.54 -1.50 -11.64
CA PHE A 138 11.60 -1.23 -10.66
C PHE A 138 12.43 0.01 -10.99
N LEU A 139 12.89 0.12 -12.24
CA LEU A 139 13.72 1.25 -12.64
C LEU A 139 13.07 2.59 -12.31
N PRO A 140 11.87 2.84 -12.83
CA PRO A 140 11.20 4.12 -12.55
C PRO A 140 11.03 4.35 -11.06
N ILE A 141 10.71 3.29 -10.33
CA ILE A 141 10.48 3.40 -8.90
C ILE A 141 11.77 3.53 -8.10
N GLN A 142 12.81 2.82 -8.55
CA GLN A 142 14.10 2.89 -7.88
C GLN A 142 14.89 4.13 -8.30
N MET A 143 14.48 4.75 -9.41
CA MET A 143 15.11 5.99 -9.84
C MET A 143 14.32 7.22 -9.40
N HIS A 144 13.24 6.99 -8.66
CA HIS A 144 12.43 8.07 -8.11
C HIS A 144 11.88 9.00 -9.19
N TRP A 145 11.54 8.43 -10.34
CA TRP A 145 10.99 9.22 -11.43
C TRP A 145 9.51 9.52 -11.23
N TYR A 146 8.85 8.73 -10.40
CA TYR A 146 7.43 8.87 -10.15
C TYR A 146 7.15 10.00 -9.17
N ARG A 147 8.11 10.24 -8.29
CA ARG A 147 7.92 11.14 -7.15
C ARG A 147 7.42 12.53 -7.55
N ALA A 148 6.38 12.98 -6.87
CA ALA A 148 5.79 14.30 -7.09
C ALA A 148 6.61 15.38 -6.39
N THR A 149 6.52 16.61 -6.88
CA THR A 149 7.33 17.71 -6.37
C THR A 149 6.64 18.57 -5.30
N HIS A 150 5.38 18.28 -5.01
CA HIS A 150 4.64 19.08 -4.03
C HIS A 150 4.97 18.68 -2.59
N GLN A 151 4.81 19.61 -1.66
CA GLN A 151 5.22 19.42 -0.27
C GLN A 151 4.54 18.24 0.42
N GLU A 152 3.28 17.98 0.08
CA GLU A 152 2.56 16.85 0.66
C GLU A 152 3.28 15.54 0.37
N ALA A 153 3.50 15.27 -0.92
CA ALA A 153 4.16 14.05 -1.34
C ALA A 153 5.56 13.93 -0.74
N ILE A 154 6.28 15.05 -0.67
CA ILE A 154 7.64 15.06 -0.13
C ILE A 154 7.63 14.68 1.35
N ASN A 155 6.70 15.27 2.09
CA ASN A 155 6.51 14.93 3.49
C ASN A 155 6.18 13.45 3.66
N CYS A 156 5.35 12.92 2.77
CA CYS A 156 5.00 11.50 2.84
C CYS A 156 6.18 10.60 2.51
N TYR A 157 7.05 11.07 1.63
CA TYR A 157 8.23 10.30 1.25
C TYR A 157 9.24 10.26 2.39
N ALA A 158 9.53 11.43 2.96
CA ALA A 158 10.49 11.54 4.05
C ALA A 158 9.93 10.90 5.33
N GLU A 159 8.61 10.77 5.39
CA GLU A 159 7.96 10.16 6.53
C GLU A 159 8.06 8.63 6.45
N GLU A 160 8.65 8.02 7.47
CA GLU A 160 8.81 6.58 7.50
C GLU A 160 7.49 5.86 7.77
N THR A 161 6.63 6.49 8.56
CA THR A 161 5.37 5.87 8.95
C THR A 161 4.26 6.09 7.92
N CYS A 162 4.57 6.82 6.86
CA CYS A 162 3.59 7.08 5.81
C CYS A 162 3.98 6.42 4.49
N CYS A 163 3.18 5.46 4.05
CA CYS A 163 3.36 4.88 2.73
C CYS A 163 2.16 5.22 1.86
N ASP A 164 2.39 6.10 0.88
CA ASP A 164 1.35 6.48 -0.07
C ASP A 164 1.96 6.72 -1.44
N PHE A 165 1.25 6.31 -2.48
CA PHE A 165 1.77 6.41 -3.84
C PHE A 165 1.35 7.73 -4.47
N PHE A 166 2.32 8.62 -4.67
CA PHE A 166 2.06 9.91 -5.29
C PHE A 166 2.85 10.01 -6.57
N THR A 167 2.15 10.33 -7.65
CA THR A 167 2.77 10.34 -8.96
C THR A 167 2.49 11.63 -9.70
N ASN A 168 3.56 12.26 -10.20
CA ASN A 168 3.41 13.39 -11.09
C ASN A 168 2.61 12.94 -12.31
N GLN A 169 1.82 13.86 -12.87
CA GLN A 169 0.92 13.51 -13.96
C GLN A 169 1.63 12.70 -15.04
N ALA A 170 2.85 13.11 -15.37
CA ALA A 170 3.64 12.45 -16.40
C ALA A 170 3.81 10.96 -16.13
N TYR A 171 4.34 10.63 -14.96
CA TYR A 171 4.54 9.23 -14.60
C TYR A 171 3.23 8.46 -14.60
N ALA A 172 2.18 9.09 -14.08
CA ALA A 172 0.87 8.45 -14.04
C ALA A 172 0.46 8.02 -15.44
N ILE A 173 0.42 8.98 -16.35
CA ILE A 173 0.00 8.72 -17.73
C ILE A 173 0.91 7.70 -18.43
N ALA A 174 2.21 8.02 -18.49
CA ALA A 174 3.16 7.16 -19.18
C ALA A 174 3.12 5.73 -18.65
N SER A 175 3.30 5.59 -17.35
CA SER A 175 3.36 4.28 -16.72
C SER A 175 2.07 3.50 -16.89
N SER A 176 0.93 4.19 -16.75
CA SER A 176 -0.35 3.51 -16.88
C SER A 176 -0.62 3.06 -18.33
N ILE A 177 -0.14 3.83 -19.30
CA ILE A 177 -0.31 3.47 -20.70
C ILE A 177 0.62 2.34 -21.12
N VAL A 178 1.89 2.45 -20.77
CA VAL A 178 2.88 1.44 -21.15
C VAL A 178 2.69 0.13 -20.41
N SER A 179 2.50 0.20 -19.10
CA SER A 179 2.42 -0.98 -18.27
C SER A 179 1.05 -1.68 -18.33
N PHE A 180 0.02 -0.96 -18.78
CA PHE A 180 -1.33 -1.52 -18.80
C PHE A 180 -2.08 -1.40 -20.13
N TYR A 181 -2.36 -0.17 -20.55
CA TYR A 181 -3.25 0.06 -21.68
C TYR A 181 -2.85 -0.60 -23.00
N VAL A 182 -1.64 -0.34 -23.47
CA VAL A 182 -1.19 -0.87 -24.75
C VAL A 182 -1.36 -2.39 -24.84
N PRO A 183 -0.73 -3.14 -23.92
CA PRO A 183 -0.86 -4.60 -23.95
C PRO A 183 -2.31 -5.04 -23.78
N LEU A 184 -3.12 -4.21 -23.13
CA LEU A 184 -4.54 -4.50 -22.98
C LEU A 184 -5.23 -4.48 -24.34
N VAL A 185 -5.08 -3.38 -25.06
CA VAL A 185 -5.66 -3.27 -26.39
C VAL A 185 -5.16 -4.40 -27.29
N ILE A 186 -3.87 -4.65 -27.23
CA ILE A 186 -3.28 -5.76 -28.00
C ILE A 186 -4.00 -7.07 -27.71
N MET A 187 -4.07 -7.42 -26.42
CA MET A 187 -4.73 -8.65 -25.99
C MET A 187 -6.17 -8.74 -26.48
N VAL A 188 -6.93 -7.67 -26.25
CA VAL A 188 -8.32 -7.63 -26.67
C VAL A 188 -8.47 -7.91 -28.16
N PHE A 189 -7.77 -7.13 -28.99
CA PHE A 189 -7.87 -7.32 -30.42
C PHE A 189 -7.48 -8.74 -30.82
N VAL A 190 -6.27 -9.14 -30.47
CA VAL A 190 -5.75 -10.45 -30.84
C VAL A 190 -6.71 -11.58 -30.47
N TYR A 191 -7.19 -11.58 -29.24
CA TYR A 191 -8.06 -12.66 -28.77
C TYR A 191 -9.45 -12.58 -29.38
N SER A 192 -9.86 -11.38 -29.78
CA SER A 192 -11.12 -11.23 -30.51
C SER A 192 -10.99 -11.94 -31.84
N ARG A 193 -9.87 -11.70 -32.52
CA ARG A 193 -9.57 -12.39 -33.76
C ARG A 193 -9.51 -13.90 -33.52
N VAL A 194 -9.00 -14.29 -32.37
CA VAL A 194 -8.92 -15.70 -31.99
C VAL A 194 -10.30 -16.32 -31.89
N PHE A 195 -11.25 -15.60 -31.29
CA PHE A 195 -12.62 -16.10 -31.19
C PHE A 195 -13.28 -16.16 -32.56
N GLN A 196 -13.03 -15.14 -33.39
CA GLN A 196 -13.53 -15.14 -34.76
C GLN A 196 -13.04 -16.40 -35.48
N GLU A 197 -11.75 -16.68 -35.40
CA GLU A 197 -11.17 -17.89 -35.99
C GLU A 197 -11.84 -19.13 -35.45
N ALA A 198 -11.92 -19.24 -34.13
CA ALA A 198 -12.51 -20.39 -33.48
C ALA A 198 -13.91 -20.65 -34.03
N LYS A 199 -14.66 -19.58 -34.25
CA LYS A 199 -16.01 -19.69 -34.78
C LYS A 199 -16.02 -20.09 -36.26
N ARG A 200 -15.04 -19.60 -37.01
CA ARG A 200 -14.92 -19.96 -38.43
C ARG A 200 -14.53 -21.42 -38.60
N GLN A 201 -13.93 -21.99 -37.56
CA GLN A 201 -13.53 -23.40 -37.57
C GLN A 201 -14.66 -24.31 -37.10
N LEU A 202 -15.12 -24.10 -35.86
CA LEU A 202 -16.11 -24.98 -35.26
C LEU A 202 -17.28 -25.28 -36.20
N GLN A 203 -17.63 -24.32 -37.05
CA GLN A 203 -18.70 -24.52 -38.01
C GLN A 203 -18.22 -25.31 -39.22
N LYS A 204 -16.91 -25.38 -39.39
CA LYS A 204 -16.31 -26.09 -40.51
C LYS A 204 -16.31 -27.59 -40.27
N ILE A 205 -15.76 -28.34 -41.22
CA ILE A 205 -15.77 -29.79 -41.18
C ILE A 205 -14.87 -30.39 -40.10
N ASP A 206 -15.15 -31.64 -39.75
CA ASP A 206 -14.41 -32.37 -38.74
C ASP A 206 -13.00 -32.73 -39.20
N LYS A 207 -12.11 -32.99 -38.26
CA LYS A 207 -12.48 -32.91 -36.85
C LYS A 207 -11.49 -32.07 -36.05
N PHE A 208 -12.03 -31.26 -35.15
CA PHE A 208 -11.26 -30.45 -34.24
C PHE A 208 -11.98 -30.48 -32.88
N CYS A 209 -11.30 -30.95 -31.83
CA CYS A 209 -11.94 -31.17 -30.53
C CYS A 209 -12.61 -29.93 -29.95
N LEU A 210 -13.75 -30.13 -29.29
CA LEU A 210 -14.47 -29.04 -28.64
C LEU A 210 -13.77 -28.60 -27.37
N LYS A 211 -13.08 -29.53 -26.72
CA LYS A 211 -12.36 -29.22 -25.49
C LYS A 211 -11.45 -28.01 -25.66
N GLU A 212 -10.90 -27.85 -26.85
CA GLU A 212 -9.97 -26.76 -27.11
C GLU A 212 -10.71 -25.42 -27.18
N HIS A 213 -11.91 -25.45 -27.76
CA HIS A 213 -12.75 -24.25 -27.79
C HIS A 213 -13.21 -23.88 -26.39
N LYS A 214 -13.54 -24.89 -25.60
CA LYS A 214 -13.84 -24.67 -24.18
C LYS A 214 -12.65 -24.02 -23.50
N ALA A 215 -11.45 -24.45 -23.87
CA ALA A 215 -10.22 -23.89 -23.32
C ALA A 215 -10.04 -22.42 -23.70
N LEU A 216 -10.36 -22.10 -24.94
CA LEU A 216 -10.35 -20.72 -25.42
C LEU A 216 -11.35 -19.88 -24.63
N LYS A 217 -12.48 -20.49 -24.28
CA LYS A 217 -13.49 -19.84 -23.46
C LYS A 217 -12.93 -19.57 -22.06
N THR A 218 -12.19 -20.54 -21.54
CA THR A 218 -11.55 -20.42 -20.23
C THR A 218 -10.55 -19.26 -20.20
N LEU A 219 -9.58 -19.29 -21.11
CA LEU A 219 -8.60 -18.21 -21.22
C LEU A 219 -9.32 -16.88 -21.37
N GLY A 220 -10.32 -16.84 -22.26
CA GLY A 220 -11.14 -15.67 -22.43
C GLY A 220 -11.71 -15.20 -21.11
N ILE A 221 -12.02 -16.16 -20.23
CA ILE A 221 -12.54 -15.84 -18.91
C ILE A 221 -11.47 -15.23 -18.01
N ILE A 222 -10.27 -15.80 -18.02
CA ILE A 222 -9.16 -15.24 -17.25
C ILE A 222 -8.90 -13.78 -17.65
N MET A 223 -8.74 -13.56 -18.94
CA MET A 223 -8.49 -12.22 -19.47
C MET A 223 -9.62 -11.28 -19.12
N GLY A 224 -10.85 -11.66 -19.47
CA GLY A 224 -12.01 -10.85 -19.18
C GLY A 224 -12.05 -10.42 -17.73
N THR A 225 -11.85 -11.39 -16.84
CA THR A 225 -11.84 -11.13 -15.40
C THR A 225 -10.77 -10.11 -15.03
N PHE A 226 -9.54 -10.37 -15.44
CA PHE A 226 -8.43 -9.48 -15.12
C PHE A 226 -8.71 -8.04 -15.57
N THR A 227 -9.12 -7.90 -16.82
CA THR A 227 -9.43 -6.58 -17.37
C THR A 227 -10.55 -5.90 -16.60
N LEU A 228 -11.57 -6.68 -16.25
CA LEU A 228 -12.71 -6.13 -15.53
C LEU A 228 -12.36 -5.70 -14.11
N CYS A 229 -11.38 -6.38 -13.51
CA CYS A 229 -10.95 -6.07 -12.15
C CYS A 229 -10.03 -4.85 -12.11
N TRP A 230 -9.06 -4.81 -13.01
CA TRP A 230 -8.07 -3.73 -13.00
C TRP A 230 -8.45 -2.49 -13.80
N LEU A 231 -9.47 -2.60 -14.64
CA LEU A 231 -9.85 -1.52 -15.53
C LEU A 231 -10.32 -0.27 -14.77
N PRO A 232 -11.28 -0.45 -13.85
CA PRO A 232 -11.77 0.71 -13.09
C PRO A 232 -10.62 1.46 -12.42
N PHE A 233 -9.64 0.71 -11.90
CA PHE A 233 -8.50 1.31 -11.23
C PHE A 233 -7.68 2.17 -12.17
N PHE A 234 -7.25 1.59 -13.29
CA PHE A 234 -6.39 2.28 -14.24
C PHE A 234 -7.11 3.39 -15.01
N ILE A 235 -8.44 3.34 -15.01
CA ILE A 235 -9.21 4.43 -15.57
C ILE A 235 -9.12 5.63 -14.63
N VAL A 236 -9.34 5.37 -13.34
CA VAL A 236 -9.32 6.40 -12.31
C VAL A 236 -7.99 7.13 -12.24
N ASN A 237 -6.90 6.43 -12.57
CA ASN A 237 -5.60 7.07 -12.62
C ASN A 237 -5.61 8.25 -13.57
N ILE A 238 -6.00 8.00 -14.81
CA ILE A 238 -6.13 9.05 -15.80
C ILE A 238 -7.15 10.09 -15.37
N VAL A 239 -8.17 9.64 -14.63
CA VAL A 239 -9.19 10.54 -14.11
C VAL A 239 -8.56 11.57 -13.19
N HIS A 240 -7.71 11.10 -12.28
CA HIS A 240 -7.05 11.98 -11.32
C HIS A 240 -5.93 12.80 -11.96
N VAL A 241 -5.49 12.38 -13.14
CA VAL A 241 -4.50 13.15 -13.89
C VAL A 241 -5.16 14.34 -14.57
N ILE A 242 -6.38 14.15 -15.04
CA ILE A 242 -7.14 15.22 -15.66
C ILE A 242 -7.63 16.16 -14.57
N GLN A 243 -8.58 15.67 -13.78
CA GLN A 243 -9.06 16.41 -12.61
C GLN A 243 -8.81 15.58 -11.36
N ASP A 244 -7.87 16.03 -10.54
CA ASP A 244 -7.52 15.29 -9.33
C ASP A 244 -8.52 15.54 -8.22
N ASN A 245 -8.63 14.57 -7.31
CA ASN A 245 -9.55 14.68 -6.18
C ASN A 245 -11.00 14.78 -6.61
N LEU A 246 -11.30 14.27 -7.80
CA LEU A 246 -12.67 14.18 -8.27
C LEU A 246 -13.26 12.88 -7.72
N ILE A 247 -12.39 12.03 -7.19
CA ILE A 247 -12.80 10.77 -6.59
C ILE A 247 -12.14 10.61 -5.22
N ARG A 248 -12.90 10.11 -4.26
CA ARG A 248 -12.40 9.94 -2.89
C ARG A 248 -11.26 8.93 -2.83
N LYS A 249 -10.36 9.13 -1.87
CA LYS A 249 -9.25 8.22 -1.67
C LYS A 249 -9.76 6.82 -1.35
N GLU A 250 -10.77 6.75 -0.50
CA GLU A 250 -11.34 5.47 -0.09
C GLU A 250 -11.76 4.66 -1.32
N VAL A 251 -12.45 5.31 -2.25
CA VAL A 251 -12.89 4.66 -3.47
C VAL A 251 -11.69 4.11 -4.25
N TYR A 252 -10.68 4.96 -4.39
CA TYR A 252 -9.44 4.57 -5.05
C TYR A 252 -8.91 3.27 -4.46
N ILE A 253 -8.73 3.28 -3.14
CA ILE A 253 -8.26 2.11 -2.41
C ILE A 253 -9.13 0.89 -2.70
N LEU A 254 -10.44 1.11 -2.73
CA LEU A 254 -11.40 0.05 -2.99
C LEU A 254 -11.12 -0.62 -4.34
N LEU A 255 -11.12 0.18 -5.40
CA LEU A 255 -10.85 -0.35 -6.74
C LEU A 255 -9.49 -1.04 -6.73
N ASN A 256 -8.51 -0.38 -6.11
CA ASN A 256 -7.19 -0.97 -5.96
C ASN A 256 -7.30 -2.41 -5.44
N TRP A 257 -8.02 -2.57 -4.34
CA TRP A 257 -8.21 -3.89 -3.75
C TRP A 257 -9.04 -4.87 -4.57
N ILE A 258 -9.91 -4.36 -5.44
CA ILE A 258 -10.57 -5.22 -6.41
C ILE A 258 -9.53 -5.88 -7.29
N GLY A 259 -8.68 -5.04 -7.88
CA GLY A 259 -7.56 -5.53 -8.66
C GLY A 259 -6.79 -6.59 -7.88
N TYR A 260 -6.61 -6.36 -6.59
CA TYR A 260 -5.90 -7.32 -5.74
C TYR A 260 -6.63 -8.66 -5.69
N VAL A 261 -7.91 -8.62 -5.35
CA VAL A 261 -8.73 -9.82 -5.23
C VAL A 261 -8.73 -10.63 -6.53
N ASN A 262 -8.57 -9.94 -7.66
CA ASN A 262 -8.49 -10.65 -8.95
C ASN A 262 -7.44 -11.77 -8.97
N SER A 263 -6.41 -11.63 -8.15
CA SER A 263 -5.28 -12.56 -8.17
C SER A 263 -5.65 -13.99 -7.76
N GLY A 264 -6.77 -14.16 -7.06
CA GLY A 264 -7.18 -15.46 -6.58
C GLY A 264 -8.28 -16.10 -7.42
N PHE A 265 -8.73 -15.38 -8.44
CA PHE A 265 -9.81 -15.87 -9.30
C PHE A 265 -9.34 -16.92 -10.29
N ASN A 266 -8.10 -16.79 -10.76
CA ASN A 266 -7.55 -17.72 -11.75
C ASN A 266 -7.59 -19.19 -11.33
N PRO A 267 -7.10 -19.51 -10.12
CA PRO A 267 -7.13 -20.91 -9.66
C PRO A 267 -8.54 -21.50 -9.72
N LEU A 268 -9.55 -20.68 -9.43
CA LEU A 268 -10.94 -21.14 -9.49
C LEU A 268 -11.46 -21.21 -10.92
N ILE A 269 -10.86 -20.40 -11.80
CA ILE A 269 -11.27 -20.40 -13.20
C ILE A 269 -10.70 -21.59 -13.96
N TYR A 270 -9.52 -22.05 -13.55
CA TYR A 270 -8.88 -23.19 -14.20
C TYR A 270 -9.62 -24.50 -13.95
N CYS A 271 -10.55 -24.48 -13.00
CA CYS A 271 -11.34 -25.67 -12.69
C CYS A 271 -12.26 -26.05 -13.85
N ARG A 272 -12.45 -25.11 -14.78
CA ARG A 272 -13.22 -25.37 -15.98
C ARG A 272 -12.61 -26.52 -16.77
N SER A 273 -11.29 -26.62 -16.73
CA SER A 273 -10.58 -27.68 -17.44
C SER A 273 -10.63 -28.99 -16.65
N PRO A 274 -11.10 -30.06 -17.29
CA PRO A 274 -11.17 -31.38 -16.65
C PRO A 274 -9.81 -31.81 -16.14
N ASP A 275 -8.76 -31.43 -16.87
CA ASP A 275 -7.40 -31.78 -16.49
C ASP A 275 -7.04 -31.19 -15.15
N PHE A 276 -7.16 -29.87 -15.04
CA PHE A 276 -6.83 -29.17 -13.79
C PHE A 276 -7.70 -29.65 -12.63
N ARG A 277 -8.91 -30.10 -12.95
CA ARG A 277 -9.83 -30.59 -11.94
C ARG A 277 -9.35 -31.94 -11.39
N ILE A 278 -9.02 -32.85 -12.30
CA ILE A 278 -8.49 -34.14 -11.91
C ILE A 278 -7.21 -33.97 -11.11
N ALA A 279 -6.33 -33.09 -11.58
CA ALA A 279 -5.08 -32.80 -10.89
C ALA A 279 -5.34 -32.28 -9.48
N PHE A 280 -6.18 -31.25 -9.39
CA PHE A 280 -6.53 -30.66 -8.12
C PHE A 280 -7.03 -31.71 -7.14
N GLN A 281 -8.05 -32.46 -7.54
CA GLN A 281 -8.60 -33.48 -6.66
C GLN A 281 -7.57 -34.57 -6.37
N GLU A 282 -6.54 -34.67 -7.20
CA GLU A 282 -5.49 -35.66 -7.00
C GLU A 282 -4.54 -35.22 -5.90
N LEU A 283 -4.11 -33.96 -5.95
CA LEU A 283 -3.20 -33.42 -4.94
C LEU A 283 -3.87 -33.31 -3.57
N LEU A 284 -5.20 -33.22 -3.59
CA LEU A 284 -5.97 -33.05 -2.36
C LEU A 284 -6.33 -34.38 -1.72
N CYS A 285 -5.82 -35.47 -2.29
CA CYS A 285 -6.05 -36.81 -1.77
C CYS A 285 -7.54 -37.17 -1.80
N LEU A 286 -8.19 -36.90 -2.93
CA LEU A 286 -9.61 -37.20 -3.08
C LEU A 286 -9.82 -38.43 -3.98
N ASN B 2 -1.36 3.61 23.04
CA ASN B 2 -1.15 4.52 24.16
C ASN B 2 -0.72 5.91 23.71
N ILE B 3 -0.09 6.65 24.61
CA ILE B 3 0.34 8.02 24.32
C ILE B 3 1.41 8.06 23.23
N PHE B 4 2.42 7.20 23.36
CA PHE B 4 3.48 7.13 22.38
C PHE B 4 2.89 7.01 20.97
N GLU B 5 1.85 6.22 20.84
CA GLU B 5 1.18 6.04 19.56
C GLU B 5 0.55 7.34 19.11
N MET B 6 -0.13 8.01 20.04
CA MET B 6 -0.73 9.31 19.77
C MET B 6 0.29 10.26 19.16
N LEU B 7 1.32 10.59 19.94
CA LEU B 7 2.35 11.51 19.47
C LEU B 7 2.97 11.04 18.17
N ARG B 8 3.22 9.74 18.08
CA ARG B 8 3.82 9.13 16.89
C ARG B 8 2.95 9.39 15.66
N ILE B 9 1.64 9.54 15.88
CA ILE B 9 0.71 9.83 14.80
C ILE B 9 0.65 11.32 14.49
N ASP B 10 0.22 12.10 15.48
CA ASP B 10 0.08 13.55 15.35
C ASP B 10 1.31 14.22 14.76
N GLU B 11 2.41 14.18 15.51
CA GLU B 11 3.65 14.82 15.07
C GLU B 11 4.26 14.11 13.86
N GLY B 12 4.52 12.82 14.00
CA GLY B 12 5.15 12.06 12.92
C GLY B 12 6.61 11.75 13.22
N LEU B 13 7.16 10.82 12.46
CA LEU B 13 8.51 10.34 12.69
C LEU B 13 9.36 10.45 11.42
N ARG B 14 10.44 11.21 11.49
CA ARG B 14 11.34 11.37 10.34
C ARG B 14 12.75 10.90 10.63
N LEU B 15 13.27 10.03 9.78
CA LEU B 15 14.58 9.41 9.96
C LEU B 15 15.73 10.38 9.77
N LYS B 16 15.51 11.42 8.97
CA LYS B 16 16.57 12.36 8.63
C LYS B 16 16.28 13.76 9.14
N ILE B 17 17.33 14.52 9.44
CA ILE B 17 17.18 15.88 9.92
C ILE B 17 16.39 16.74 8.94
N TYR B 18 15.56 17.61 9.49
CA TYR B 18 14.74 18.51 8.69
C TYR B 18 14.40 19.74 9.51
N LYS B 19 13.97 20.79 8.82
CA LYS B 19 13.52 22.00 9.51
C LYS B 19 12.01 21.95 9.75
N ASP B 20 11.60 22.36 10.96
CA ASP B 20 10.19 22.30 11.35
C ASP B 20 9.40 23.49 10.81
N THR B 21 8.16 23.61 11.27
CA THR B 21 7.27 24.69 10.84
C THR B 21 7.81 26.07 11.20
N GLU B 22 8.68 26.11 12.20
CA GLU B 22 9.32 27.37 12.61
C GLU B 22 10.65 27.59 11.90
N GLY B 23 11.08 26.60 11.14
CA GLY B 23 12.35 26.67 10.44
C GLY B 23 13.51 26.13 11.25
N TYR B 24 13.23 25.79 12.51
CA TYR B 24 14.23 25.26 13.42
C TYR B 24 14.59 23.82 13.07
N TYR B 25 15.75 23.36 13.54
CA TYR B 25 16.19 22.01 13.22
C TYR B 25 15.54 20.93 14.09
N THR B 26 14.94 19.93 13.44
CA THR B 26 14.21 18.87 14.13
C THR B 26 14.43 17.50 13.47
N ILE B 27 14.49 16.46 14.28
CA ILE B 27 14.64 15.09 13.79
C ILE B 27 13.87 14.12 14.67
N GLY B 28 13.66 12.89 14.18
CA GLY B 28 12.89 11.90 14.91
C GLY B 28 11.47 12.37 15.10
N ILE B 29 10.89 12.07 16.26
CA ILE B 29 9.55 12.57 16.56
C ILE B 29 9.64 13.86 17.36
N GLY B 30 9.31 14.97 16.72
CA GLY B 30 9.14 16.24 17.40
C GLY B 30 10.31 16.68 18.27
N HIS B 31 11.47 16.08 18.06
CA HIS B 31 12.63 16.41 18.87
C HIS B 31 13.36 17.61 18.30
N LEU B 32 13.45 18.67 19.09
CA LEU B 32 14.12 19.88 18.65
C LEU B 32 15.62 19.80 18.92
N LEU B 33 16.41 19.83 17.85
CA LEU B 33 17.85 19.86 17.96
C LEU B 33 18.26 21.24 18.44
N THR B 34 17.75 22.26 17.76
CA THR B 34 18.00 23.64 18.13
C THR B 34 17.30 24.61 17.20
N LYS B 35 17.16 25.84 17.67
CA LYS B 35 16.58 26.91 16.88
C LYS B 35 17.71 27.78 16.32
N SER B 36 17.95 27.67 15.02
CA SER B 36 19.05 28.35 14.35
C SER B 36 19.09 27.89 12.90
N PRO B 37 19.47 28.79 11.99
CA PRO B 37 19.63 28.41 10.57
C PRO B 37 20.83 27.49 10.37
N SER B 38 21.73 27.46 11.35
CA SER B 38 22.95 26.68 11.23
C SER B 38 22.73 25.19 11.42
N LEU B 39 23.16 24.41 10.43
CA LEU B 39 23.07 22.96 10.49
C LEU B 39 24.18 22.40 11.37
N ASN B 40 25.25 23.16 11.50
CA ASN B 40 26.39 22.75 12.33
C ASN B 40 26.05 22.78 13.81
N ALA B 41 25.29 23.79 14.23
CA ALA B 41 24.83 23.88 15.61
C ALA B 41 23.88 22.73 15.92
N ALA B 42 23.03 22.42 14.96
CA ALA B 42 22.11 21.29 15.08
C ALA B 42 22.89 19.99 15.19
N LYS B 43 23.99 19.90 14.44
CA LYS B 43 24.84 18.72 14.46
C LYS B 43 25.53 18.56 15.81
N SER B 44 25.99 19.68 16.37
CA SER B 44 26.60 19.67 17.70
C SER B 44 25.59 19.19 18.73
N GLU B 45 24.41 19.83 18.75
CA GLU B 45 23.34 19.46 19.67
C GLU B 45 23.03 17.98 19.56
N LEU B 46 22.86 17.53 18.33
CA LEU B 46 22.51 16.14 18.05
C LEU B 46 23.57 15.19 18.60
N ASP B 47 24.82 15.39 18.18
CA ASP B 47 25.92 14.55 18.63
C ASP B 47 26.03 14.53 20.16
N LYS B 48 25.67 15.66 20.78
CA LYS B 48 25.69 15.76 22.23
C LYS B 48 24.57 14.93 22.85
N ALA B 49 23.45 14.85 22.15
CA ALA B 49 22.33 14.01 22.59
C ALA B 49 22.57 12.53 22.24
N ILE B 50 23.35 12.29 21.21
CA ILE B 50 23.65 10.93 20.77
C ILE B 50 25.00 10.46 21.31
N GLY B 51 25.34 9.20 21.04
CA GLY B 51 26.60 8.64 21.49
C GLY B 51 27.75 8.99 20.57
N ARG B 52 27.50 8.98 19.27
CA ARG B 52 28.52 9.30 18.29
C ARG B 52 27.98 10.25 17.21
N ASN B 53 28.86 10.68 16.32
CA ASN B 53 28.47 11.59 15.25
C ASN B 53 27.45 10.96 14.31
N THR B 54 26.32 11.65 14.15
CA THR B 54 25.24 11.17 13.29
C THR B 54 25.22 11.80 11.89
N ASN B 55 25.94 12.91 11.73
CA ASN B 55 25.95 13.62 10.46
C ASN B 55 24.57 14.20 10.10
N GLY B 56 23.58 13.90 10.93
CA GLY B 56 22.21 14.28 10.67
C GLY B 56 21.29 13.11 10.36
N VAL B 57 21.88 11.93 10.21
CA VAL B 57 21.10 10.71 9.99
C VAL B 57 21.14 9.82 11.23
N ILE B 58 19.99 9.34 11.67
CA ILE B 58 19.91 8.50 12.85
C ILE B 58 19.01 7.28 12.63
N THR B 59 19.20 6.27 13.47
CA THR B 59 18.40 5.05 13.40
C THR B 59 17.04 5.22 14.08
N LYS B 60 16.07 4.41 13.67
CA LYS B 60 14.76 4.40 14.30
C LYS B 60 14.87 4.25 15.81
N ASP B 61 15.66 3.27 16.24
CA ASP B 61 15.88 3.02 17.65
C ASP B 61 16.36 4.30 18.36
N GLU B 62 17.39 4.93 17.81
CA GLU B 62 17.91 6.17 18.38
C GLU B 62 16.82 7.22 18.49
N ALA B 63 16.09 7.41 17.40
CA ALA B 63 14.96 8.34 17.38
C ALA B 63 14.04 8.08 18.56
N GLU B 64 13.75 6.81 18.81
CA GLU B 64 12.92 6.43 19.94
C GLU B 64 13.57 6.79 21.28
N LYS B 65 14.89 6.62 21.36
CA LYS B 65 15.62 6.99 22.57
C LYS B 65 15.39 8.47 22.88
N LEU B 66 15.69 9.32 21.90
CA LEU B 66 15.50 10.75 22.05
C LEU B 66 14.06 11.09 22.41
N PHE B 67 13.11 10.48 21.71
CA PHE B 67 11.70 10.67 22.01
C PHE B 67 11.42 10.39 23.48
N ASN B 68 12.06 9.35 24.03
CA ASN B 68 11.89 8.99 25.43
C ASN B 68 12.46 10.05 26.36
N GLN B 69 13.64 10.56 26.01
CA GLN B 69 14.23 11.64 26.78
C GLN B 69 13.29 12.85 26.81
N ASP B 70 12.72 13.17 25.65
CA ASP B 70 11.84 14.32 25.52
C ASP B 70 10.53 14.14 26.27
N VAL B 71 10.04 12.90 26.32
CA VAL B 71 8.81 12.61 27.05
C VAL B 71 9.07 12.68 28.55
N ASP B 72 10.23 12.17 28.97
CA ASP B 72 10.66 12.27 30.35
C ASP B 72 10.70 13.74 30.77
N ALA B 73 11.48 14.52 30.03
CA ALA B 73 11.63 15.94 30.29
C ALA B 73 10.26 16.62 30.29
N ALA B 74 9.38 16.17 29.39
CA ALA B 74 8.04 16.73 29.30
C ALA B 74 7.26 16.50 30.59
N VAL B 75 7.21 15.26 31.04
CA VAL B 75 6.53 14.91 32.28
C VAL B 75 7.09 15.70 33.45
N ARG B 76 8.42 15.76 33.54
CA ARG B 76 9.09 16.52 34.61
C ARG B 76 8.64 17.97 34.60
N GLY B 77 8.62 18.57 33.41
CA GLY B 77 8.20 19.95 33.26
C GLY B 77 6.76 20.16 33.73
N ILE B 78 5.87 19.30 33.26
CA ILE B 78 4.46 19.38 33.63
C ILE B 78 4.27 19.27 35.14
N LEU B 79 5.10 18.45 35.78
CA LEU B 79 5.04 18.28 37.23
C LEU B 79 5.54 19.50 37.99
N ARG B 80 6.65 20.08 37.51
CA ARG B 80 7.25 21.21 38.20
C ARG B 80 6.43 22.51 38.09
N ASN B 81 5.69 22.65 37.00
CA ASN B 81 4.86 23.83 36.80
C ASN B 81 3.70 23.86 37.79
N ALA B 82 3.60 24.93 38.57
CA ALA B 82 2.61 25.01 39.64
C ALA B 82 1.18 25.16 39.12
N LYS B 83 1.04 25.72 37.92
CA LYS B 83 -0.27 25.94 37.33
C LYS B 83 -0.82 24.66 36.70
N LEU B 84 0.05 23.94 36.01
CA LEU B 84 -0.35 22.74 35.30
C LEU B 84 -0.51 21.55 36.23
N LYS B 85 0.29 21.51 37.29
CA LYS B 85 0.32 20.37 38.20
C LYS B 85 -1.07 19.90 38.67
N PRO B 86 -1.88 20.80 39.24
CA PRO B 86 -3.19 20.40 39.77
C PRO B 86 -4.08 19.78 38.70
N VAL B 87 -4.04 20.33 37.50
CA VAL B 87 -4.86 19.84 36.40
C VAL B 87 -4.44 18.44 35.96
N TYR B 88 -3.14 18.21 35.86
CA TYR B 88 -2.61 16.92 35.42
C TYR B 88 -2.91 15.81 36.41
N ASP B 89 -3.03 16.17 37.69
CA ASP B 89 -3.28 15.20 38.74
C ASP B 89 -4.74 14.76 38.75
N SER B 90 -5.62 15.62 38.25
CA SER B 90 -7.05 15.33 38.24
C SER B 90 -7.48 14.66 36.95
N LEU B 91 -6.57 14.56 35.98
CA LEU B 91 -6.89 13.95 34.70
C LEU B 91 -6.52 12.47 34.67
N ASP B 92 -7.38 11.68 34.04
CA ASP B 92 -7.12 10.25 33.85
C ASP B 92 -6.02 10.05 32.82
N ALA B 93 -5.43 8.86 32.80
CA ALA B 93 -4.26 8.58 31.97
C ALA B 93 -4.42 9.05 30.52
N VAL B 94 -5.59 8.82 29.95
CA VAL B 94 -5.88 9.27 28.59
C VAL B 94 -5.71 10.78 28.43
N ARG B 95 -6.55 11.53 29.13
CA ARG B 95 -6.49 12.99 29.06
C ARG B 95 -5.13 13.50 29.49
N ARG B 96 -4.47 12.78 30.39
CA ARG B 96 -3.10 13.09 30.77
C ARG B 96 -2.22 13.04 29.53
N ALA B 97 -2.46 12.03 28.69
CA ALA B 97 -1.70 11.86 27.46
C ALA B 97 -1.99 12.98 26.47
N ALA B 98 -3.26 13.35 26.36
CA ALA B 98 -3.65 14.47 25.50
C ALA B 98 -2.89 15.71 25.94
N LEU B 99 -2.88 15.94 27.24
CA LEU B 99 -2.19 17.09 27.83
C LEU B 99 -0.71 17.05 27.49
N ILE B 100 -0.08 15.90 27.69
CA ILE B 100 1.33 15.73 27.37
C ILE B 100 1.58 16.05 25.90
N ASN B 101 0.59 15.74 25.06
CA ASN B 101 0.66 16.11 23.65
C ASN B 101 0.68 17.63 23.49
N MET B 102 -0.31 18.29 24.09
CA MET B 102 -0.37 19.75 24.04
C MET B 102 0.92 20.39 24.55
N VAL B 103 1.58 19.74 25.49
CA VAL B 103 2.83 20.26 26.04
C VAL B 103 4.00 19.97 25.11
N PHE B 104 3.90 18.87 24.37
CA PHE B 104 4.91 18.53 23.38
C PHE B 104 4.90 19.60 22.31
N GLN B 105 3.71 19.88 21.78
CA GLN B 105 3.55 20.85 20.71
C GLN B 105 3.76 22.29 21.15
N MET B 106 3.00 22.74 22.14
CA MET B 106 3.00 24.14 22.54
C MET B 106 3.95 24.50 23.69
N GLY B 107 4.49 23.50 24.36
CA GLY B 107 5.38 23.74 25.48
C GLY B 107 4.67 24.15 26.76
N GLU B 108 5.41 24.12 27.87
CA GLU B 108 4.87 24.43 29.19
C GLU B 108 4.14 25.76 29.22
N THR B 109 4.86 26.85 28.98
CA THR B 109 4.28 28.18 29.01
C THR B 109 3.03 28.25 28.13
N GLY B 110 3.19 27.87 26.88
CA GLY B 110 2.09 27.89 25.92
C GLY B 110 0.85 27.21 26.45
N VAL B 111 1.01 26.05 27.07
CA VAL B 111 -0.12 25.31 27.62
C VAL B 111 -0.71 26.02 28.84
N ALA B 112 0.17 26.56 29.68
CA ALA B 112 -0.25 27.30 30.87
C ALA B 112 -0.97 28.59 30.44
N GLY B 113 -0.92 28.86 29.15
CA GLY B 113 -1.59 30.02 28.59
C GLY B 113 -3.09 30.03 28.82
N PHE B 114 -3.72 28.87 28.81
CA PHE B 114 -5.17 28.80 28.99
C PHE B 114 -5.48 28.61 30.46
N THR B 115 -6.01 29.66 31.09
CA THR B 115 -6.36 29.59 32.50
C THR B 115 -7.69 28.89 32.73
N ASN B 116 -8.69 29.26 31.95
CA ASN B 116 -10.04 28.72 32.11
C ASN B 116 -10.13 27.29 31.61
N SER B 117 -9.44 27.00 30.51
CA SER B 117 -9.40 25.65 29.98
C SER B 117 -8.92 24.69 31.07
N LEU B 118 -7.75 24.99 31.64
CA LEU B 118 -7.22 24.20 32.73
C LEU B 118 -8.20 24.17 33.91
N ARG B 119 -8.75 25.33 34.25
CA ARG B 119 -9.68 25.46 35.35
C ARG B 119 -10.82 24.46 35.26
N MET B 120 -11.45 24.38 34.10
CA MET B 120 -12.59 23.50 33.90
C MET B 120 -12.17 22.04 33.72
N LEU B 121 -11.03 21.83 33.07
CA LEU B 121 -10.48 20.48 32.92
C LEU B 121 -10.33 19.86 34.30
N GLN B 122 -9.92 20.70 35.26
CA GLN B 122 -9.77 20.28 36.64
C GLN B 122 -11.13 20.13 37.31
N GLN B 123 -12.15 20.77 36.74
CA GLN B 123 -13.51 20.70 37.26
C GLN B 123 -14.34 19.60 36.60
N LYS B 124 -13.70 18.82 35.75
CA LYS B 124 -14.38 17.68 35.11
C LYS B 124 -15.50 18.13 34.19
N ARG B 125 -15.37 19.34 33.64
CA ARG B 125 -16.34 19.82 32.67
C ARG B 125 -15.68 19.81 31.31
N TRP B 126 -16.10 18.88 30.46
CA TRP B 126 -15.40 18.64 29.20
C TRP B 126 -15.86 19.55 28.09
N ASP B 127 -17.13 19.43 27.72
CA ASP B 127 -17.68 20.18 26.59
C ASP B 127 -17.24 21.64 26.63
N GLU B 128 -17.64 22.36 27.67
CA GLU B 128 -17.28 23.76 27.82
C GLU B 128 -15.79 23.97 27.53
N ALA B 129 -14.96 23.13 28.15
CA ALA B 129 -13.52 23.21 27.95
C ALA B 129 -13.16 23.12 26.47
N ALA B 130 -13.78 22.18 25.76
CA ALA B 130 -13.57 22.03 24.33
C ALA B 130 -13.94 23.31 23.61
N VAL B 131 -15.06 23.90 24.00
CA VAL B 131 -15.52 25.15 23.40
C VAL B 131 -14.49 26.25 23.61
N ASN B 132 -13.80 26.21 24.75
CA ASN B 132 -12.74 27.16 25.02
C ASN B 132 -11.50 26.93 24.17
N LEU B 133 -11.14 25.66 23.99
CA LEU B 133 -9.94 25.31 23.23
C LEU B 133 -10.14 25.48 21.73
N ALA B 134 -11.39 25.47 21.28
CA ALA B 134 -11.70 25.57 19.86
C ALA B 134 -11.58 27.00 19.35
N LYS B 135 -11.66 27.95 20.27
CA LYS B 135 -11.55 29.35 19.90
C LYS B 135 -10.11 29.82 20.00
N SER B 136 -9.20 28.91 20.31
CA SER B 136 -7.82 29.26 20.57
C SER B 136 -7.00 29.48 19.31
N ARG B 137 -5.74 29.86 19.50
CA ARG B 137 -4.79 30.05 18.42
C ARG B 137 -4.27 28.70 17.96
N TRP B 138 -4.02 27.83 18.93
CA TRP B 138 -3.53 26.48 18.66
C TRP B 138 -4.45 25.73 17.72
N TYR B 139 -5.75 25.82 17.99
CA TYR B 139 -6.75 25.14 17.16
C TYR B 139 -6.72 25.69 15.74
N ASN B 140 -6.68 27.02 15.63
CA ASN B 140 -6.65 27.65 14.32
C ASN B 140 -5.42 27.25 13.51
N GLN B 141 -4.26 27.21 14.16
CA GLN B 141 -3.00 26.86 13.50
C GLN B 141 -3.02 25.44 12.95
N THR B 142 -3.35 24.49 13.82
CA THR B 142 -3.43 23.09 13.44
C THR B 142 -4.78 22.52 13.86
N PRO B 143 -5.83 22.83 13.08
CA PRO B 143 -7.20 22.41 13.40
C PRO B 143 -7.36 20.90 13.48
N ASN B 144 -6.53 20.16 12.75
CA ASN B 144 -6.57 18.70 12.80
C ASN B 144 -6.09 18.12 14.13
N ARG B 145 -4.87 18.48 14.52
CA ARG B 145 -4.31 17.97 15.76
C ARG B 145 -5.12 18.50 16.94
N ALA B 146 -5.58 19.72 16.81
CA ALA B 146 -6.37 20.34 17.86
C ALA B 146 -7.71 19.64 18.01
N LYS B 147 -8.33 19.31 16.88
CA LYS B 147 -9.61 18.63 16.89
C LYS B 147 -9.47 17.23 17.47
N ARG B 148 -8.41 16.53 17.09
CA ARG B 148 -8.17 15.19 17.62
C ARG B 148 -7.89 15.22 19.12
N VAL B 149 -7.02 16.11 19.55
CA VAL B 149 -6.68 16.22 20.98
C VAL B 149 -7.91 16.60 21.81
N ILE B 150 -8.65 17.60 21.32
CA ILE B 150 -9.87 18.05 21.99
C ILE B 150 -10.86 16.90 22.11
N THR B 151 -11.11 16.24 21.00
CA THR B 151 -11.99 15.07 21.00
C THR B 151 -11.49 14.04 22.02
N THR B 152 -10.18 13.94 22.18
CA THR B 152 -9.60 13.05 23.18
C THR B 152 -9.92 13.53 24.60
N PHE B 153 -10.03 14.84 24.77
CA PHE B 153 -10.37 15.40 26.08
C PHE B 153 -11.83 15.14 26.43
N ARG B 154 -12.72 15.35 25.48
CA ARG B 154 -14.14 15.13 25.71
C ARG B 154 -14.46 13.65 25.88
N THR B 155 -13.94 12.82 24.99
CA THR B 155 -14.21 11.38 25.00
C THR B 155 -13.38 10.62 26.03
N GLY B 156 -12.19 11.14 26.33
CA GLY B 156 -11.29 10.46 27.25
C GLY B 156 -10.90 9.09 26.73
N THR B 157 -11.00 8.92 25.42
CA THR B 157 -10.70 7.65 24.77
C THR B 157 -9.81 7.82 23.54
N TRP B 158 -9.30 6.70 23.03
CA TRP B 158 -8.41 6.71 21.88
C TRP B 158 -9.20 6.64 20.57
N ASP B 159 -10.52 6.66 20.69
CA ASP B 159 -11.40 6.54 19.53
C ASP B 159 -11.13 7.61 18.48
N ALA B 160 -10.46 8.69 18.88
CA ALA B 160 -10.11 9.76 17.96
C ALA B 160 -8.88 9.38 17.12
N TYR B 161 -7.97 8.63 17.71
CA TYR B 161 -6.77 8.17 17.02
C TYR B 161 -6.84 6.74 16.48
N ALA B 162 -7.88 6.00 16.81
CA ALA B 162 -7.96 4.63 16.31
C ALA B 162 -9.38 4.08 16.25
N ALA B 163 -9.78 3.56 15.09
CA ALA B 163 -11.19 3.21 14.94
C ALA B 163 -11.53 1.72 14.99
O17 CAU C . -2.10 -2.04 -7.43
C16 CAU C . -1.82 -0.86 -8.06
C18 CAU C . -1.15 0.02 -7.00
N19 CAU C . -0.55 -0.65 -5.81
C20 CAU C . -0.34 0.34 -4.76
C21 CAU C . 1.08 0.39 -4.24
C22 CAU C . -1.39 0.32 -3.70
C15 CAU C . -1.01 -1.19 -9.34
O14 CAU C . -0.08 -0.25 -9.73
C13 CAU C . 0.36 -0.18 -11.03
C12 CAU C . 0.73 -1.36 -11.73
C11 CAU C . 1.18 -1.27 -13.06
C10 CAU C . 1.26 -0.02 -13.73
C8 CAU C . 0.89 1.15 -13.02
C9 CAU C . 0.44 1.07 -11.69
N7 CAU C . 0.89 2.50 -13.47
C3 CAU C . 0.42 3.28 -12.38
C4 CAU C . 0.14 2.48 -11.29
C2 CAU C . 0.25 4.66 -12.34
C1 CAU C . -0.22 5.20 -11.12
C6 CAU C . -0.51 4.38 -10.00
C5 CAU C . -0.33 3.01 -10.06
#